data_1DIG
#
_entry.id   1DIG
#
_cell.length_a   67.889
_cell.length_b   136.419
_cell.length_c   61.579
_cell.angle_alpha   90.00
_cell.angle_beta   90.00
_cell.angle_gamma   90.00
#
_symmetry.space_group_name_H-M   'P 21 21 21'
#
loop_
_entity.id
_entity.type
_entity.pdbx_description
1 polymer 'METHYLENETETRAHYDROFOLATE DEHYDROGENASE / CYCLOHYDROLASE'
2 non-polymer 'NADP NICOTINAMIDE-ADENINE-DINUCLEOTIDE PHOSPHATE'
3 non-polymer "[[N'-(2,5-DIAMINO-6-HYDROXY-PYRIMIDIN-4-YL)-UREAYL]-PHEN-4-YL]-CARBONYL-GLUTAMIC ACID"
4 non-polymer 'ACETATE ION'
5 water water
#
_entity_poly.entity_id   1
_entity_poly.type   'polypeptide(L)'
_entity_poly.pdbx_seq_one_letter_code
;MAPAEILNGKEISAQIRARLKNQVTQLKEQVPGFTPRLAILQVGNRDDSNLYINVKLKAAEEIGIKATHIKLPRTTTESE
VMKYITSLNEDSTVHGFLVQLPLDSENSINTEEVINAIAPEKDVDGLTSINAGRLARGDLNDCFIPCTPKGCLELIKETG
VPIAGRHAVVVGRSKIVGAPMHDLLLWNNATVTTCHSKTAHLDEEVNKGDILVVATGQPEMVKGEWIKPGAIVIDCGINY
VPDDKKPNGRKVVGDVAYDEAKERASFITPVPGGVGPMTVAMLMQSTVESAKRFLEKFKPGKWMIQ
;
_entity_poly.pdbx_strand_id   A,B
#
loop_
_chem_comp.id
_chem_comp.type
_chem_comp.name
_chem_comp.formula
ACT non-polymer 'ACETATE ION' 'C2 H3 O2 -1'
L37 non-polymer '[[N'-(2,5-DIAMINO-6-HYDROXY-PYRIMIDIN-4-YL)-UREAYL]-PHEN-4-YL]-CARBONYL-GLUTAMIC ACID' 'C17 H19 N7 O7'
NAP non-polymer 'NADP NICOTINAMIDE-ADENINE-DINUCLEOTIDE PHOSPHATE' 'C21 H28 N7 O17 P3'
#
# COMPACT_ATOMS: atom_id res chain seq x y z
N ALA A 2 19.14 28.78 -19.26
CA ALA A 2 19.28 27.50 -20.01
C ALA A 2 19.02 26.27 -19.13
N PRO A 3 19.64 26.20 -17.93
CA PRO A 3 19.38 25.03 -17.09
C PRO A 3 18.03 25.12 -16.35
N ALA A 4 17.69 24.03 -15.68
CA ALA A 4 16.46 23.93 -14.92
C ALA A 4 16.48 24.84 -13.70
N GLU A 5 15.30 25.31 -13.31
CA GLU A 5 15.18 26.14 -12.11
C GLU A 5 15.56 25.23 -10.93
N ILE A 6 16.33 25.76 -10.00
CA ILE A 6 16.78 24.98 -8.85
C ILE A 6 15.81 25.06 -7.68
N LEU A 7 15.37 23.89 -7.21
CA LEU A 7 14.47 23.79 -6.07
C LEU A 7 15.32 23.80 -4.82
N ASN A 8 15.47 24.98 -4.24
CA ASN A 8 16.28 25.18 -3.04
C ASN A 8 15.64 24.67 -1.76
N GLY A 9 15.86 23.40 -1.48
CA GLY A 9 15.31 22.79 -0.28
C GLY A 9 15.77 23.44 1.01
N LYS A 10 16.97 24.02 1.00
CA LYS A 10 17.47 24.67 2.20
C LYS A 10 16.70 25.96 2.48
N GLU A 11 16.36 26.71 1.45
CA GLU A 11 15.61 27.95 1.65
C GLU A 11 14.15 27.66 1.96
N ILE A 12 13.59 26.68 1.26
CA ILE A 12 12.20 26.31 1.45
C ILE A 12 11.96 25.72 2.85
N SER A 13 12.90 24.89 3.32
CA SER A 13 12.77 24.30 4.65
C SER A 13 12.92 25.37 5.72
N ALA A 14 13.73 26.38 5.43
CA ALA A 14 13.95 27.48 6.35
C ALA A 14 12.66 28.26 6.58
N GLN A 15 11.86 28.39 5.53
CA GLN A 15 10.57 29.08 5.59
C GLN A 15 9.56 28.26 6.37
N ILE A 16 9.57 26.94 6.17
CA ILE A 16 8.66 26.04 6.87
C ILE A 16 8.99 26.05 8.36
N ARG A 17 10.28 25.92 8.67
CA ARG A 17 10.73 25.94 10.06
C ARG A 17 10.34 27.23 10.79
N ALA A 18 10.39 28.35 10.06
CA ALA A 18 10.04 29.65 10.62
C ALA A 18 8.56 29.68 10.95
N ARG A 19 7.76 29.11 10.03
CA ARG A 19 6.31 29.04 10.18
C ARG A 19 5.99 28.17 11.38
N LEU A 20 6.67 27.02 11.48
CA LEU A 20 6.47 26.08 12.57
C LEU A 20 6.83 26.68 13.92
N LYS A 21 7.94 27.42 13.97
CA LYS A 21 8.39 28.06 15.19
C LYS A 21 7.32 29.01 15.73
N ASN A 22 6.73 29.80 14.84
CA ASN A 22 5.69 30.74 15.22
C ASN A 22 4.44 30.04 15.71
N GLN A 23 4.13 28.89 15.11
CA GLN A 23 2.96 28.11 15.50
C GLN A 23 3.17 27.56 16.89
N VAL A 24 4.39 27.08 17.15
CA VAL A 24 4.74 26.51 18.45
C VAL A 24 4.69 27.60 19.52
N THR A 25 5.15 28.79 19.16
CA THR A 25 5.15 29.92 20.08
C THR A 25 3.73 30.33 20.46
N GLN A 26 2.82 30.32 19.48
CA GLN A 26 1.42 30.69 19.72
C GLN A 26 0.72 29.63 20.55
N LEU A 27 1.08 28.37 20.30
CA LEU A 27 0.50 27.24 21.03
C LEU A 27 0.88 27.35 22.51
N LYS A 28 2.12 27.74 22.78
CA LYS A 28 2.59 27.89 24.15
C LYS A 28 1.92 29.10 24.81
N GLU A 29 1.50 30.07 24.00
CA GLU A 29 0.83 31.26 24.49
C GLU A 29 -0.63 30.97 24.81
N GLN A 30 -1.17 29.96 24.14
CA GLN A 30 -2.55 29.53 24.36
C GLN A 30 -2.62 28.65 25.59
N VAL A 31 -1.60 27.80 25.75
CA VAL A 31 -1.52 26.88 26.88
C VAL A 31 -0.11 26.97 27.48
N PRO A 32 0.14 27.99 28.32
CA PRO A 32 1.46 28.17 28.94
C PRO A 32 1.84 26.91 29.73
N GLY A 33 3.09 26.48 29.56
CA GLY A 33 3.55 25.28 30.24
C GLY A 33 3.56 24.07 29.34
N PHE A 34 2.65 24.06 28.35
CA PHE A 34 2.59 22.95 27.41
C PHE A 34 3.79 23.02 26.45
N THR A 35 4.43 21.88 26.25
CA THR A 35 5.58 21.79 25.38
C THR A 35 5.53 20.56 24.49
N PRO A 36 5.51 20.77 23.16
CA PRO A 36 5.48 19.66 22.22
C PRO A 36 6.77 18.89 22.43
N ARG A 37 6.67 17.57 22.51
CA ARG A 37 7.85 16.77 22.74
C ARG A 37 8.02 15.65 21.72
N LEU A 38 9.24 15.51 21.24
CA LEU A 38 9.62 14.48 20.28
C LEU A 38 10.76 13.67 20.87
N ALA A 39 10.73 12.35 20.68
CA ALA A 39 11.79 11.48 21.19
C ALA A 39 12.37 10.66 20.05
N ILE A 40 13.70 10.54 20.04
CA ILE A 40 14.40 9.76 19.02
C ILE A 40 15.13 8.59 19.68
N LEU A 41 14.71 7.38 19.32
CA LEU A 41 15.30 6.18 19.87
C LEU A 41 16.33 5.59 18.92
N GLN A 42 17.56 5.47 19.39
CA GLN A 42 18.64 4.94 18.60
C GLN A 42 19.25 3.69 19.23
N VAL A 43 19.61 2.73 18.39
CA VAL A 43 20.25 1.48 18.82
C VAL A 43 21.61 1.44 18.14
N GLY A 44 22.68 1.42 18.93
CA GLY A 44 24.01 1.40 18.36
C GLY A 44 24.68 2.76 18.43
N ASN A 45 25.71 2.96 17.62
CA ASN A 45 26.45 4.22 17.63
C ASN A 45 27.02 4.58 16.26
N ARG A 46 26.21 4.46 15.21
CA ARG A 46 26.67 4.79 13.85
C ARG A 46 27.01 6.27 13.70
N ASP A 47 28.13 6.55 13.04
CA ASP A 47 28.57 7.93 12.83
C ASP A 47 27.56 8.74 12.02
N ASP A 48 27.01 8.15 10.96
CA ASP A 48 26.03 8.86 10.13
C ASP A 48 24.73 9.13 10.87
N SER A 49 24.28 8.16 11.65
CA SER A 49 23.05 8.29 12.44
C SER A 49 23.19 9.37 13.50
N ASN A 50 24.39 9.50 14.07
CA ASN A 50 24.66 10.50 15.09
C ASN A 50 24.52 11.91 14.52
N LEU A 51 25.02 12.11 13.30
CA LEU A 51 24.95 13.40 12.63
C LEU A 51 23.51 13.73 12.22
N TYR A 52 22.79 12.72 11.76
CA TYR A 52 21.41 12.89 11.32
C TYR A 52 20.50 13.27 12.48
N ILE A 53 20.72 12.62 13.62
CA ILE A 53 19.97 12.88 14.82
C ILE A 53 20.29 14.30 15.32
N ASN A 54 21.56 14.68 15.28
CA ASN A 54 21.96 16.02 15.71
C ASN A 54 21.23 17.12 14.91
N VAL A 55 21.07 16.90 13.61
CA VAL A 55 20.39 17.84 12.75
C VAL A 55 18.93 17.96 13.20
N LYS A 56 18.30 16.82 13.45
CA LYS A 56 16.92 16.78 13.90
C LYS A 56 16.76 17.47 15.24
N LEU A 57 17.68 17.20 16.16
CA LEU A 57 17.64 17.85 17.49
C LEU A 57 17.79 19.35 17.34
N LYS A 58 18.69 19.77 16.45
CA LYS A 58 18.93 21.20 16.20
C LYS A 58 17.73 21.95 15.58
N ALA A 59 17.03 21.30 14.66
CA ALA A 59 15.86 21.91 14.03
C ALA A 59 14.72 22.01 15.03
N ALA A 60 14.61 21.01 15.90
CA ALA A 60 13.58 20.95 16.92
C ALA A 60 13.73 22.09 17.92
N GLU A 61 14.91 22.19 18.52
CA GLU A 61 15.22 23.22 19.49
C GLU A 61 14.89 24.59 18.94
N GLU A 62 15.26 24.83 17.68
CA GLU A 62 15.01 26.10 17.04
C GLU A 62 13.52 26.39 16.81
N ILE A 63 12.73 25.34 16.70
CA ILE A 63 11.28 25.51 16.48
C ILE A 63 10.55 25.61 17.82
N GLY A 64 11.21 25.18 18.89
CA GLY A 64 10.60 25.24 20.21
C GLY A 64 10.06 23.92 20.69
N ILE A 65 10.42 22.86 19.97
CA ILE A 65 10.01 21.51 20.31
C ILE A 65 11.04 20.89 21.27
N LYS A 66 10.56 20.20 22.30
CA LYS A 66 11.45 19.54 23.24
C LYS A 66 11.81 18.17 22.66
N ALA A 67 13.09 17.98 22.37
CA ALA A 67 13.57 16.73 21.79
C ALA A 67 14.48 15.92 22.71
N THR A 68 14.15 14.64 22.86
CA THR A 68 14.91 13.74 23.70
C THR A 68 15.58 12.67 22.86
N HIS A 69 16.85 12.41 23.16
CA HIS A 69 17.60 11.41 22.44
C HIS A 69 17.98 10.26 23.38
N ILE A 70 17.55 9.06 23.01
CA ILE A 70 17.87 7.87 23.77
C ILE A 70 18.75 6.99 22.89
N LYS A 71 19.96 6.70 23.37
CA LYS A 71 20.90 5.88 22.62
C LYS A 71 21.21 4.60 23.39
N LEU A 72 20.82 3.48 22.79
CA LEU A 72 21.06 2.16 23.39
C LEU A 72 22.33 1.54 22.83
N PRO A 73 23.01 0.71 23.63
CA PRO A 73 24.25 0.05 23.20
C PRO A 73 24.04 -1.00 22.10
N ARG A 74 25.13 -1.44 21.48
CA ARG A 74 25.05 -2.43 20.40
C ARG A 74 24.64 -3.82 20.87
N THR A 75 24.73 -4.05 22.17
CA THR A 75 24.38 -5.32 22.79
C THR A 75 22.88 -5.44 23.00
N THR A 76 22.14 -4.37 22.68
CA THR A 76 20.69 -4.33 22.85
C THR A 76 19.96 -5.44 22.09
N THR A 77 18.97 -6.03 22.75
CA THR A 77 18.16 -7.09 22.16
C THR A 77 16.83 -6.50 21.70
N GLU A 78 16.10 -7.25 20.88
CA GLU A 78 14.80 -6.80 20.40
C GLU A 78 13.87 -6.63 21.61
N SER A 79 14.02 -7.51 22.58
CA SER A 79 13.22 -7.48 23.81
C SER A 79 13.43 -6.17 24.58
N GLU A 80 14.66 -5.70 24.65
CA GLU A 80 14.98 -4.45 25.35
C GLU A 80 14.46 -3.21 24.61
N VAL A 81 14.55 -3.24 23.27
CA VAL A 81 14.07 -2.13 22.44
C VAL A 81 12.56 -2.02 22.64
N MET A 82 11.89 -3.16 22.74
CA MET A 82 10.45 -3.20 22.93
C MET A 82 10.02 -2.56 24.24
N LYS A 83 10.89 -2.63 25.25
CA LYS A 83 10.60 -2.05 26.55
C LYS A 83 10.58 -0.53 26.46
N TYR A 84 11.58 0.06 25.81
CA TYR A 84 11.65 1.51 25.66
C TYR A 84 10.50 2.04 24.82
N ILE A 85 10.17 1.32 23.74
CA ILE A 85 9.08 1.72 22.86
C ILE A 85 7.78 1.78 23.64
N THR A 86 7.56 0.78 24.48
CA THR A 86 6.37 0.70 25.33
C THR A 86 6.37 1.88 26.30
N SER A 87 7.54 2.22 26.82
CA SER A 87 7.67 3.35 27.75
C SER A 87 7.31 4.65 27.06
N LEU A 88 7.80 4.82 25.83
CA LEU A 88 7.55 6.02 25.04
C LEU A 88 6.09 6.13 24.59
N ASN A 89 5.46 4.99 24.37
CA ASN A 89 4.05 4.95 23.99
C ASN A 89 3.21 5.42 25.17
N GLU A 90 3.62 4.99 26.36
CA GLU A 90 2.90 5.32 27.58
C GLU A 90 3.22 6.66 28.21
N ASP A 91 4.36 7.24 27.83
CA ASP A 91 4.77 8.54 28.36
C ASP A 91 3.90 9.64 27.76
N SER A 92 2.93 10.08 28.54
CA SER A 92 2.00 11.13 28.13
C SER A 92 2.66 12.43 27.66
N THR A 93 3.87 12.71 28.16
CA THR A 93 4.55 13.94 27.76
C THR A 93 5.19 13.87 26.37
N VAL A 94 5.31 12.66 25.84
CA VAL A 94 5.90 12.46 24.51
C VAL A 94 4.77 12.37 23.50
N HIS A 95 4.73 13.33 22.59
CA HIS A 95 3.68 13.39 21.57
C HIS A 95 4.03 12.61 20.32
N GLY A 96 5.31 12.57 20.00
CA GLY A 96 5.74 11.85 18.82
C GLY A 96 7.17 11.34 18.94
N PHE A 97 7.36 10.06 18.65
CA PHE A 97 8.71 9.50 18.71
C PHE A 97 9.02 8.67 17.47
N LEU A 98 10.29 8.38 17.28
CA LEU A 98 10.71 7.61 16.13
C LEU A 98 11.93 6.77 16.47
N VAL A 99 12.14 5.72 15.68
CA VAL A 99 13.29 4.85 15.86
C VAL A 99 14.19 5.10 14.65
N GLN A 100 15.41 5.57 14.92
CA GLN A 100 16.39 5.86 13.89
C GLN A 100 16.85 4.58 13.21
N LEU A 101 16.83 4.59 11.89
CA LEU A 101 17.24 3.43 11.11
C LEU A 101 18.53 3.71 10.34
N PRO A 102 19.36 2.67 10.13
CA PRO A 102 19.17 1.28 10.54
C PRO A 102 19.64 0.99 11.97
N LEU A 103 19.02 0.01 12.61
CA LEU A 103 19.38 -0.38 13.97
C LEU A 103 20.79 -0.98 13.92
N ASP A 104 21.66 -0.53 14.81
CA ASP A 104 23.03 -1.03 14.86
C ASP A 104 23.25 -1.88 16.11
N SER A 105 22.90 -3.16 16.01
CA SER A 105 23.04 -4.10 17.10
C SER A 105 23.79 -5.35 16.65
N GLU A 106 24.38 -6.07 17.60
CA GLU A 106 25.09 -7.30 17.29
C GLU A 106 24.13 -8.48 17.28
N ASN A 107 22.90 -8.23 17.73
CA ASN A 107 21.86 -9.25 17.76
C ASN A 107 20.85 -8.94 16.67
N SER A 108 20.12 -9.97 16.24
CA SER A 108 19.09 -9.81 15.22
C SER A 108 17.88 -9.15 15.85
N ILE A 109 17.41 -8.08 15.23
CA ILE A 109 16.25 -7.36 15.72
C ILE A 109 15.34 -7.15 14.53
N ASN A 110 14.13 -7.69 14.62
CA ASN A 110 13.16 -7.56 13.55
C ASN A 110 12.66 -6.12 13.55
N THR A 111 13.14 -5.36 12.56
CA THR A 111 12.79 -3.94 12.44
C THR A 111 11.29 -3.67 12.26
N GLU A 112 10.61 -4.49 11.48
CA GLU A 112 9.18 -4.27 11.29
C GLU A 112 8.41 -4.46 12.61
N GLU A 113 8.82 -5.41 13.42
CA GLU A 113 8.16 -5.67 14.70
C GLU A 113 8.39 -4.53 15.69
N VAL A 114 9.61 -4.00 15.69
CA VAL A 114 9.98 -2.89 16.56
C VAL A 114 9.20 -1.64 16.14
N ILE A 115 9.19 -1.35 14.84
CA ILE A 115 8.48 -0.19 14.30
C ILE A 115 6.97 -0.31 14.49
N ASN A 116 6.44 -1.52 14.36
CA ASN A 116 5.00 -1.74 14.51
C ASN A 116 4.52 -1.78 15.96
N ALA A 117 5.46 -1.62 16.89
CA ALA A 117 5.14 -1.58 18.30
C ALA A 117 4.84 -0.13 18.68
N ILE A 118 5.22 0.81 17.81
CA ILE A 118 4.97 2.23 18.03
C ILE A 118 3.49 2.56 17.89
N ALA A 119 2.96 3.35 18.83
CA ALA A 119 1.55 3.75 18.80
C ALA A 119 1.38 4.66 17.59
N PRO A 120 0.45 4.32 16.69
CA PRO A 120 0.19 5.10 15.48
C PRO A 120 -0.01 6.61 15.64
N GLU A 121 -0.45 7.04 16.83
CA GLU A 121 -0.69 8.46 17.09
C GLU A 121 0.61 9.22 17.36
N LYS A 122 1.68 8.48 17.66
CA LYS A 122 2.99 9.08 17.94
C LYS A 122 3.99 8.69 16.87
N ASP A 123 3.51 8.02 15.83
CA ASP A 123 4.37 7.58 14.73
C ASP A 123 4.61 8.71 13.72
N VAL A 124 5.37 9.72 14.13
CA VAL A 124 5.68 10.86 13.27
C VAL A 124 6.44 10.50 11.98
N ASP A 125 7.15 9.38 11.99
CA ASP A 125 7.89 8.89 10.82
C ASP A 125 6.96 8.14 9.85
N GLY A 126 5.74 7.84 10.32
CA GLY A 126 4.75 7.15 9.51
C GLY A 126 5.18 5.80 8.98
N LEU A 127 5.96 5.07 9.77
CA LEU A 127 6.45 3.78 9.33
C LEU A 127 5.67 2.55 9.79
N THR A 128 4.66 2.75 10.63
CA THR A 128 3.86 1.62 11.08
C THR A 128 3.01 1.11 9.92
N SER A 129 2.64 -0.17 9.97
CA SER A 129 1.81 -0.77 8.92
C SER A 129 0.43 -0.12 8.88
N ILE A 130 -0.02 0.39 10.02
CA ILE A 130 -1.32 1.05 10.10
C ILE A 130 -1.27 2.34 9.28
N ASN A 131 -0.24 3.15 9.52
CA ASN A 131 -0.06 4.39 8.78
C ASN A 131 0.24 4.14 7.30
N ALA A 132 1.07 3.15 7.01
CA ALA A 132 1.40 2.80 5.63
C ALA A 132 0.16 2.28 4.90
N GLY A 133 -0.68 1.55 5.61
CA GLY A 133 -1.90 1.00 5.03
C GLY A 133 -2.95 2.05 4.69
N ARG A 134 -2.99 3.12 5.49
CA ARG A 134 -3.94 4.21 5.27
C ARG A 134 -3.49 4.99 4.04
N LEU A 135 -2.21 5.27 3.96
CA LEU A 135 -1.64 5.99 2.84
C LEU A 135 -1.76 5.18 1.56
N ALA A 136 -1.44 3.89 1.65
CA ALA A 136 -1.51 2.99 0.50
C ALA A 136 -2.90 2.87 -0.09
N ARG A 137 -3.93 3.17 0.69
CA ARG A 137 -5.30 3.06 0.20
C ARG A 137 -6.03 4.38 -0.01
N GLY A 138 -5.31 5.48 0.16
CA GLY A 138 -5.91 6.79 -0.05
C GLY A 138 -6.50 7.51 1.15
N ASP A 139 -6.38 6.93 2.34
CA ASP A 139 -6.93 7.54 3.57
C ASP A 139 -5.91 8.51 4.16
N LEU A 140 -5.87 9.72 3.61
CA LEU A 140 -4.93 10.76 4.04
C LEU A 140 -5.35 11.65 5.21
N ASN A 141 -6.61 11.56 5.65
CA ASN A 141 -7.08 12.36 6.79
C ASN A 141 -6.53 11.82 8.11
N ASP A 142 -6.35 10.51 8.15
CA ASP A 142 -5.95 9.82 9.36
C ASP A 142 -4.50 9.39 9.58
N CYS A 143 -3.57 9.76 8.69
CA CYS A 143 -2.21 9.27 8.89
C CYS A 143 -1.00 10.20 8.78
N PHE A 144 0.10 9.69 9.31
CA PHE A 144 1.40 10.35 9.25
C PHE A 144 2.08 9.76 8.04
N ILE A 145 2.64 10.61 7.20
CA ILE A 145 3.31 10.18 5.99
C ILE A 145 4.82 10.25 6.24
N PRO A 146 5.60 9.31 5.69
CA PRO A 146 7.04 9.33 5.91
C PRO A 146 7.61 10.70 5.50
N CYS A 147 8.55 11.19 6.30
CA CYS A 147 9.15 12.50 6.09
C CYS A 147 9.82 12.81 4.76
N THR A 148 10.45 11.81 4.14
CA THR A 148 11.11 12.01 2.85
C THR A 148 10.11 12.21 1.73
N PRO A 149 9.08 11.33 1.63
CA PRO A 149 8.07 11.47 0.58
C PRO A 149 7.35 12.82 0.73
N LYS A 150 7.06 13.18 1.98
CA LYS A 150 6.40 14.46 2.30
C LYS A 150 7.20 15.65 1.79
N GLY A 151 8.51 15.60 2.04
CA GLY A 151 9.41 16.66 1.64
C GLY A 151 9.47 16.78 0.13
N CYS A 152 9.44 15.62 -0.54
CA CYS A 152 9.47 15.57 -2.00
C CYS A 152 8.19 16.17 -2.58
N LEU A 153 7.05 15.78 -2.02
CA LEU A 153 5.76 16.29 -2.49
C LEU A 153 5.71 17.79 -2.34
N GLU A 154 6.25 18.28 -1.23
CA GLU A 154 6.30 19.70 -0.95
C GLU A 154 7.18 20.41 -1.99
N LEU A 155 8.28 19.76 -2.39
CA LEU A 155 9.19 20.31 -3.39
C LEU A 155 8.54 20.35 -4.76
N ILE A 156 7.76 19.31 -5.07
CA ILE A 156 7.06 19.23 -6.35
C ILE A 156 6.06 20.39 -6.47
N LYS A 157 5.36 20.69 -5.38
CA LYS A 157 4.37 21.76 -5.34
C LYS A 157 4.97 23.16 -5.48
N GLU A 158 6.25 23.31 -5.11
CA GLU A 158 6.95 24.59 -5.21
C GLU A 158 7.16 25.00 -6.66
N THR A 159 6.93 24.07 -7.59
CA THR A 159 7.07 24.36 -9.01
C THR A 159 5.78 25.04 -9.48
N GLY A 160 4.71 24.87 -8.72
CA GLY A 160 3.42 25.45 -9.07
C GLY A 160 2.65 24.60 -10.07
N VAL A 161 3.31 23.59 -10.65
CA VAL A 161 2.68 22.72 -11.64
C VAL A 161 1.77 21.67 -10.97
N PRO A 162 0.47 21.62 -11.36
CA PRO A 162 -0.49 20.66 -10.79
C PRO A 162 -0.04 19.24 -11.07
N ILE A 163 -0.16 18.39 -10.04
CA ILE A 163 0.23 16.99 -10.14
C ILE A 163 -0.79 16.15 -10.91
N ALA A 164 -2.07 16.44 -10.73
CA ALA A 164 -3.14 15.70 -11.39
C ALA A 164 -2.94 15.52 -12.90
N GLY A 165 -3.13 14.30 -13.37
CA GLY A 165 -2.98 14.00 -14.79
C GLY A 165 -1.57 13.75 -15.31
N ARG A 166 -0.54 14.15 -14.54
CA ARG A 166 0.85 13.96 -14.96
C ARG A 166 1.27 12.50 -14.83
N HIS A 167 2.21 12.08 -15.68
CA HIS A 167 2.74 10.75 -15.58
C HIS A 167 3.97 10.86 -14.68
N ALA A 168 3.91 10.25 -13.50
CA ALA A 168 5.01 10.31 -12.56
C ALA A 168 5.75 8.98 -12.55
N VAL A 169 7.06 9.06 -12.38
CA VAL A 169 7.89 7.87 -12.32
C VAL A 169 8.69 7.92 -11.02
N VAL A 170 8.58 6.85 -10.22
CA VAL A 170 9.31 6.75 -8.96
C VAL A 170 10.31 5.62 -9.12
N VAL A 171 11.60 5.95 -9.06
CA VAL A 171 12.66 4.95 -9.20
C VAL A 171 13.06 4.58 -7.78
N GLY A 172 12.63 3.41 -7.36
CA GLY A 172 12.89 2.94 -6.00
C GLY A 172 11.55 2.59 -5.39
N ARG A 173 11.52 1.57 -4.51
CA ARG A 173 10.27 1.14 -3.88
C ARG A 173 10.38 0.82 -2.38
N SER A 174 11.37 1.37 -1.68
CA SER A 174 11.51 1.08 -0.26
C SER A 174 10.37 1.64 0.60
N LYS A 175 10.23 1.10 1.80
CA LYS A 175 9.19 1.51 2.75
C LYS A 175 9.40 2.93 3.23
N ILE A 176 10.67 3.35 3.23
CA ILE A 176 11.05 4.68 3.68
C ILE A 176 10.81 5.78 2.68
N VAL A 177 11.09 5.51 1.41
CA VAL A 177 10.93 6.53 0.38
C VAL A 177 10.06 6.16 -0.82
N GLY A 178 10.51 5.21 -1.62
CA GLY A 178 9.81 4.79 -2.83
C GLY A 178 8.36 4.37 -2.73
N ALA A 179 8.05 3.41 -1.85
CA ALA A 179 6.68 2.93 -1.71
C ALA A 179 5.73 4.07 -1.30
N PRO A 180 6.04 4.81 -0.21
CA PRO A 180 5.14 5.90 0.17
C PRO A 180 5.12 7.07 -0.83
N MET A 181 6.19 7.23 -1.60
CA MET A 181 6.27 8.31 -2.60
C MET A 181 5.29 8.03 -3.74
N HIS A 182 5.15 6.76 -4.08
CA HIS A 182 4.23 6.32 -5.12
C HIS A 182 2.81 6.65 -4.68
N ASP A 183 2.50 6.33 -3.43
CA ASP A 183 1.18 6.58 -2.85
C ASP A 183 0.80 8.05 -2.86
N LEU A 184 1.75 8.90 -2.48
CA LEU A 184 1.51 10.36 -2.43
C LEU A 184 1.18 10.92 -3.80
N LEU A 185 1.88 10.43 -4.82
CA LEU A 185 1.67 10.89 -6.18
C LEU A 185 0.36 10.36 -6.73
N LEU A 186 0.07 9.09 -6.45
CA LEU A 186 -1.15 8.43 -6.92
C LEU A 186 -2.39 9.10 -6.35
N TRP A 187 -2.35 9.39 -5.06
CA TRP A 187 -3.50 10.02 -4.42
C TRP A 187 -3.57 11.51 -4.66
N ASN A 188 -2.57 12.04 -5.38
CA ASN A 188 -2.55 13.44 -5.78
C ASN A 188 -2.91 13.49 -7.27
N ASN A 189 -3.47 12.36 -7.71
CA ASN A 189 -3.97 12.13 -9.07
C ASN A 189 -3.05 12.04 -10.27
N ALA A 190 -1.80 11.63 -10.03
CA ALA A 190 -0.87 11.47 -11.12
C ALA A 190 -0.99 10.01 -11.53
N THR A 191 -0.51 9.67 -12.73
CA THR A 191 -0.49 8.30 -13.20
C THR A 191 0.92 7.88 -12.80
N VAL A 192 1.06 6.86 -11.97
CA VAL A 192 2.38 6.48 -11.47
C VAL A 192 2.98 5.16 -11.90
N THR A 193 4.26 5.20 -12.27
CA THR A 193 5.00 4.01 -12.65
C THR A 193 6.10 3.84 -11.60
N THR A 194 6.19 2.66 -11.00
CA THR A 194 7.22 2.42 -10.00
C THR A 194 8.26 1.45 -10.55
N CYS A 195 9.52 1.89 -10.49
CA CYS A 195 10.65 1.11 -10.96
C CYS A 195 11.49 0.63 -9.79
N HIS A 196 12.23 -0.44 -10.02
CA HIS A 196 13.10 -1.04 -9.02
C HIS A 196 14.27 -1.71 -9.71
N SER A 197 15.03 -2.53 -8.99
CA SER A 197 16.20 -3.19 -9.57
C SER A 197 15.88 -4.23 -10.63
N LYS A 198 14.64 -4.71 -10.66
CA LYS A 198 14.25 -5.71 -11.65
C LYS A 198 13.58 -5.12 -12.86
N THR A 199 13.58 -3.79 -12.96
CA THR A 199 12.98 -3.11 -14.08
C THR A 199 13.87 -3.16 -15.31
N ALA A 200 13.28 -3.59 -16.43
CA ALA A 200 14.00 -3.67 -17.70
C ALA A 200 13.84 -2.34 -18.42
N HIS A 201 14.87 -1.92 -19.15
CA HIS A 201 14.81 -0.68 -19.89
C HIS A 201 14.41 0.49 -19.00
N LEU A 202 15.10 0.62 -17.87
CA LEU A 202 14.86 1.70 -16.91
C LEU A 202 14.91 3.09 -17.58
N ASP A 203 15.75 3.24 -18.59
CA ASP A 203 15.89 4.51 -19.28
C ASP A 203 14.62 4.92 -20.03
N GLU A 204 13.92 3.93 -20.59
CA GLU A 204 12.69 4.17 -21.33
C GLU A 204 11.55 4.50 -20.37
N GLU A 205 11.63 3.95 -19.16
CA GLU A 205 10.63 4.20 -18.13
C GLU A 205 10.78 5.62 -17.59
N VAL A 206 12.00 5.99 -17.21
CA VAL A 206 12.30 7.31 -16.70
C VAL A 206 11.93 8.41 -17.71
N ASN A 207 12.10 8.10 -18.99
CA ASN A 207 11.79 9.06 -20.05
C ASN A 207 10.32 9.44 -20.13
N LYS A 208 9.46 8.63 -19.52
CA LYS A 208 8.01 8.89 -19.52
C LYS A 208 7.58 9.84 -18.40
N GLY A 209 8.49 10.12 -17.47
CA GLY A 209 8.16 10.96 -16.34
C GLY A 209 8.11 12.48 -16.41
N ASP A 210 6.90 13.02 -16.25
CA ASP A 210 6.69 14.48 -16.21
C ASP A 210 7.20 14.89 -14.83
N ILE A 211 7.11 13.95 -13.90
CA ILE A 211 7.57 14.11 -12.53
C ILE A 211 8.45 12.89 -12.31
N LEU A 212 9.67 13.11 -11.84
CA LEU A 212 10.57 11.99 -11.60
C LEU A 212 11.16 12.05 -10.22
N VAL A 213 10.96 10.99 -9.44
CA VAL A 213 11.52 10.91 -8.10
C VAL A 213 12.44 9.71 -8.05
N VAL A 214 13.70 9.95 -7.70
CA VAL A 214 14.70 8.88 -7.63
C VAL A 214 15.21 8.65 -6.21
N ALA A 215 15.09 7.42 -5.75
CA ALA A 215 15.53 7.06 -4.41
C ALA A 215 16.05 5.62 -4.46
N THR A 216 17.22 5.46 -5.08
CA THR A 216 17.85 4.16 -5.26
C THR A 216 19.09 3.93 -4.42
N GLY A 217 19.84 5.00 -4.18
CA GLY A 217 21.07 4.87 -3.41
C GLY A 217 22.24 4.49 -4.31
N GLN A 218 22.05 4.61 -5.62
CA GLN A 218 23.09 4.31 -6.62
C GLN A 218 23.55 5.65 -7.18
N PRO A 219 24.83 6.00 -6.95
CA PRO A 219 25.43 7.26 -7.41
C PRO A 219 25.26 7.61 -8.89
N GLU A 220 24.56 8.72 -9.14
CA GLU A 220 24.32 9.27 -10.47
C GLU A 220 23.94 8.25 -11.55
N MET A 221 23.28 7.17 -11.16
CA MET A 221 22.86 6.12 -12.10
C MET A 221 21.81 6.60 -13.11
N VAL A 222 20.87 7.43 -12.68
CA VAL A 222 19.86 7.96 -13.58
C VAL A 222 20.54 9.02 -14.42
N LYS A 223 20.69 8.75 -15.72
CA LYS A 223 21.35 9.67 -16.64
C LYS A 223 20.45 10.81 -17.10
N GLY A 224 21.07 11.97 -17.34
CA GLY A 224 20.32 13.12 -17.79
C GLY A 224 19.67 12.90 -19.14
N GLU A 225 20.23 11.96 -19.90
CA GLU A 225 19.73 11.61 -21.23
C GLU A 225 18.33 11.03 -21.14
N TRP A 226 18.08 10.31 -20.06
CA TRP A 226 16.78 9.66 -19.84
C TRP A 226 15.66 10.60 -19.45
N ILE A 227 16.02 11.74 -18.87
CA ILE A 227 15.05 12.73 -18.41
C ILE A 227 14.21 13.30 -19.56
N LYS A 228 12.89 13.40 -19.32
CA LYS A 228 11.97 13.94 -20.30
C LYS A 228 12.12 15.45 -20.29
N PRO A 229 12.26 16.07 -21.47
CA PRO A 229 12.43 17.52 -21.54
C PRO A 229 11.34 18.25 -20.75
N GLY A 230 11.76 19.13 -19.85
CA GLY A 230 10.82 19.90 -19.03
C GLY A 230 10.29 19.19 -17.80
N ALA A 231 10.86 18.04 -17.46
CA ALA A 231 10.44 17.27 -16.30
C ALA A 231 10.85 17.86 -14.95
N ILE A 232 10.10 17.50 -13.91
CA ILE A 232 10.40 17.93 -12.55
C ILE A 232 11.16 16.75 -11.99
N VAL A 233 12.41 16.98 -11.59
CA VAL A 233 13.25 15.91 -11.07
C VAL A 233 13.55 16.05 -9.60
N ILE A 234 13.14 15.04 -8.83
CA ILE A 234 13.33 15.00 -7.40
C ILE A 234 14.35 13.88 -7.10
N ASP A 235 15.47 14.28 -6.50
CA ASP A 235 16.56 13.39 -6.18
C ASP A 235 16.75 13.21 -4.68
N CYS A 236 16.44 12.02 -4.18
CA CYS A 236 16.54 11.70 -2.77
C CYS A 236 17.90 11.16 -2.35
N GLY A 237 18.72 10.82 -3.34
CA GLY A 237 20.03 10.24 -3.07
C GLY A 237 21.07 11.02 -2.27
N ILE A 238 21.75 10.28 -1.40
CA ILE A 238 22.84 10.79 -0.56
C ILE A 238 23.94 9.74 -0.73
N ASN A 239 24.83 9.95 -1.71
CA ASN A 239 25.89 8.98 -2.00
C ASN A 239 27.31 9.54 -1.92
N TYR A 240 28.23 8.75 -1.38
CA TYR A 240 29.63 9.17 -1.23
C TYR A 240 30.54 8.51 -2.28
N LYS A 251 33.06 13.01 -2.12
CA LYS A 251 32.04 14.02 -2.36
C LYS A 251 30.65 13.37 -2.26
N VAL A 252 29.64 14.20 -2.01
CA VAL A 252 28.27 13.73 -1.92
C VAL A 252 27.58 14.02 -3.25
N VAL A 253 26.89 13.02 -3.78
CA VAL A 253 26.17 13.16 -5.04
C VAL A 253 24.82 12.47 -4.90
N GLY A 254 23.88 12.83 -5.77
CA GLY A 254 22.56 12.21 -5.74
C GLY A 254 22.48 10.96 -6.59
N ASP A 255 21.26 10.46 -6.80
CA ASP A 255 21.05 9.27 -7.61
C ASP A 255 20.89 9.65 -9.07
N VAL A 256 20.91 10.95 -9.32
CA VAL A 256 20.76 11.51 -10.66
C VAL A 256 22.00 12.29 -11.07
N ALA A 257 22.42 12.12 -12.32
CA ALA A 257 23.57 12.84 -12.85
C ALA A 257 23.07 14.27 -13.04
N TYR A 258 23.33 15.11 -12.04
CA TYR A 258 22.87 16.50 -12.02
C TYR A 258 23.22 17.41 -13.19
N ASP A 259 24.49 17.45 -13.56
CA ASP A 259 24.94 18.32 -14.65
C ASP A 259 24.19 18.12 -15.95
N GLU A 260 23.99 16.87 -16.31
CA GLU A 260 23.29 16.51 -17.53
C GLU A 260 21.79 16.69 -17.40
N ALA A 261 21.25 16.20 -16.29
CA ALA A 261 19.82 16.27 -16.02
C ALA A 261 19.30 17.71 -15.95
N LYS A 262 20.13 18.62 -15.44
CA LYS A 262 19.74 20.03 -15.30
C LYS A 262 19.51 20.72 -16.65
N GLU A 263 20.14 20.19 -17.70
CA GLU A 263 20.00 20.75 -19.04
C GLU A 263 18.73 20.26 -19.73
N ARG A 264 18.07 19.27 -19.14
CA ARG A 264 16.84 18.71 -19.69
C ARG A 264 15.60 19.02 -18.86
N ALA A 265 15.77 19.04 -17.54
CA ALA A 265 14.67 19.31 -16.62
C ALA A 265 14.25 20.77 -16.56
N SER A 266 13.03 21.00 -16.08
CA SER A 266 12.52 22.35 -15.93
C SER A 266 12.79 22.77 -14.50
N PHE A 267 12.65 21.79 -13.59
CA PHE A 267 12.88 21.99 -12.17
C PHE A 267 13.70 20.80 -11.65
N ILE A 268 14.69 21.08 -10.81
CA ILE A 268 15.54 20.02 -10.27
C ILE A 268 16.04 20.30 -8.86
N THR A 269 16.13 19.24 -8.06
CA THR A 269 16.62 19.33 -6.69
C THR A 269 18.11 19.04 -6.64
N PRO A 270 18.91 19.93 -6.04
CA PRO A 270 20.35 19.68 -5.97
C PRO A 270 20.69 18.76 -4.80
N VAL A 271 21.92 18.29 -4.80
CA VAL A 271 22.43 17.41 -3.74
C VAL A 271 23.86 17.84 -3.35
N PRO A 272 24.05 18.29 -2.09
CA PRO A 272 23.03 18.40 -1.04
C PRO A 272 22.16 19.65 -1.16
N GLY A 273 21.42 19.96 -0.10
CA GLY A 273 20.57 21.14 -0.08
C GLY A 273 19.25 21.03 -0.82
N GLY A 274 18.81 19.80 -1.09
CA GLY A 274 17.56 19.60 -1.79
C GLY A 274 16.53 18.89 -0.94
N VAL A 275 16.40 17.59 -1.14
CA VAL A 275 15.44 16.79 -0.39
C VAL A 275 15.69 16.68 1.13
N GLY A 276 16.95 16.53 1.51
CA GLY A 276 17.28 16.36 2.91
C GLY A 276 16.83 17.43 3.89
N PRO A 277 17.07 18.74 3.65
CA PRO A 277 16.58 19.71 4.63
C PRO A 277 15.06 19.61 4.73
N MET A 278 14.42 19.37 3.59
CA MET A 278 12.95 19.25 3.51
C MET A 278 12.43 18.09 4.33
N THR A 279 13.24 17.04 4.44
CA THR A 279 12.90 15.85 5.21
C THR A 279 12.82 16.17 6.72
N VAL A 280 13.75 16.96 7.21
CA VAL A 280 13.77 17.33 8.63
C VAL A 280 12.64 18.31 8.97
N ALA A 281 12.35 19.22 8.05
CA ALA A 281 11.29 20.20 8.25
C ALA A 281 9.94 19.50 8.33
N MET A 282 9.75 18.49 7.48
CA MET A 282 8.50 17.71 7.46
C MET A 282 8.36 16.88 8.73
N LEU A 283 9.47 16.36 9.24
CA LEU A 283 9.45 15.59 10.48
C LEU A 283 8.98 16.51 11.61
N MET A 284 9.47 17.75 11.58
CA MET A 284 9.11 18.75 12.57
C MET A 284 7.64 19.13 12.44
N GLN A 285 7.15 19.11 11.21
CA GLN A 285 5.75 19.43 10.95
C GLN A 285 4.86 18.33 11.52
N SER A 286 5.26 17.08 11.32
CA SER A 286 4.49 15.95 11.84
C SER A 286 4.49 15.98 13.35
N THR A 287 5.61 16.41 13.94
CA THR A 287 5.74 16.49 15.39
C THR A 287 4.81 17.55 15.98
N VAL A 288 4.83 18.74 15.40
CA VAL A 288 3.98 19.84 15.86
C VAL A 288 2.51 19.45 15.72
N GLU A 289 2.24 18.63 14.72
CA GLU A 289 0.90 18.15 14.43
C GLU A 289 0.45 17.14 15.50
N SER A 290 1.35 16.25 15.89
CA SER A 290 1.06 15.23 16.90
C SER A 290 0.86 15.87 18.27
N ALA A 291 1.44 17.05 18.46
CA ALA A 291 1.30 17.77 19.72
C ALA A 291 -0.05 18.47 19.74
N LYS A 292 -0.42 19.01 18.58
CA LYS A 292 -1.68 19.73 18.41
C LYS A 292 -2.88 18.79 18.46
N ARG A 293 -2.75 17.59 17.90
CA ARG A 293 -3.86 16.63 17.94
C ARG A 293 -4.05 16.13 19.37
N PHE A 294 -3.00 16.22 20.17
CA PHE A 294 -3.02 15.80 21.57
C PHE A 294 -3.82 16.82 22.38
N LEU A 295 -3.58 18.11 22.13
CA LEU A 295 -4.30 19.18 22.81
C LEU A 295 -5.77 19.21 22.38
N GLU A 296 -6.04 18.77 21.16
CA GLU A 296 -7.40 18.73 20.63
C GLU A 296 -8.12 17.48 21.15
N ALA B 2 -3.84 -16.04 -34.77
CA ALA B 2 -3.35 -16.47 -33.43
C ALA B 2 -4.10 -15.75 -32.31
N PRO B 3 -5.36 -16.13 -32.07
CA PRO B 3 -6.17 -15.50 -31.01
C PRO B 3 -5.69 -15.92 -29.61
N ALA B 4 -6.02 -15.08 -28.63
CA ALA B 4 -5.64 -15.31 -27.24
C ALA B 4 -6.11 -16.66 -26.69
N GLU B 5 -5.30 -17.22 -25.80
CA GLU B 5 -5.64 -18.47 -25.15
C GLU B 5 -6.58 -18.02 -24.03
N ILE B 6 -7.66 -18.75 -23.81
CA ILE B 6 -8.63 -18.40 -22.78
C ILE B 6 -8.30 -18.96 -21.41
N LEU B 7 -8.31 -18.09 -20.40
CA LEU B 7 -8.05 -18.47 -19.01
C LEU B 7 -9.37 -18.82 -18.35
N ASN B 8 -9.68 -20.10 -18.33
CA ASN B 8 -10.92 -20.61 -17.75
C ASN B 8 -10.92 -20.58 -16.22
N GLY B 9 -11.48 -19.52 -15.65
CA GLY B 9 -11.53 -19.37 -14.21
C GLY B 9 -12.40 -20.38 -13.49
N LYS B 10 -13.37 -20.93 -14.19
CA LYS B 10 -14.27 -21.92 -13.60
C LYS B 10 -13.52 -23.25 -13.41
N GLU B 11 -12.70 -23.61 -14.39
CA GLU B 11 -11.90 -24.84 -14.35
C GLU B 11 -10.72 -24.71 -13.40
N ILE B 12 -10.02 -23.58 -13.48
CA ILE B 12 -8.86 -23.32 -12.64
C ILE B 12 -9.28 -23.27 -11.17
N SER B 13 -10.42 -22.62 -10.90
CA SER B 13 -10.92 -22.52 -9.52
C SER B 13 -11.39 -23.88 -9.01
N ALA B 14 -11.89 -24.71 -9.92
CA ALA B 14 -12.35 -26.04 -9.56
C ALA B 14 -11.15 -26.84 -9.08
N GLN B 15 -10.04 -26.72 -9.79
CA GLN B 15 -8.81 -27.42 -9.44
C GLN B 15 -8.28 -26.94 -8.09
N ILE B 16 -8.29 -25.63 -7.89
CA ILE B 16 -7.82 -25.05 -6.64
C ILE B 16 -8.61 -25.56 -5.45
N ARG B 17 -9.94 -25.56 -5.57
CA ARG B 17 -10.79 -26.04 -4.50
C ARG B 17 -10.57 -27.52 -4.20
N ALA B 18 -10.31 -28.30 -5.24
CA ALA B 18 -10.05 -29.74 -5.11
C ALA B 18 -8.77 -29.97 -4.33
N ARG B 19 -7.73 -29.21 -4.65
CA ARG B 19 -6.44 -29.31 -3.98
C ARG B 19 -6.51 -28.86 -2.52
N LEU B 20 -7.30 -27.82 -2.24
CA LEU B 20 -7.47 -27.31 -0.88
C LEU B 20 -8.16 -28.36 -0.02
N LYS B 21 -9.08 -29.12 -0.62
CA LYS B 21 -9.78 -30.18 0.10
C LYS B 21 -8.75 -31.23 0.51
N ASN B 22 -7.90 -31.63 -0.42
CA ASN B 22 -6.86 -32.63 -0.15
C ASN B 22 -5.89 -32.13 0.91
N GLN B 23 -5.58 -30.84 0.85
CA GLN B 23 -4.68 -30.23 1.83
C GLN B 23 -5.32 -30.23 3.20
N VAL B 24 -6.61 -29.90 3.25
CA VAL B 24 -7.32 -29.85 4.50
C VAL B 24 -7.46 -31.24 5.14
N THR B 25 -7.70 -32.25 4.30
CA THR B 25 -7.82 -33.64 4.76
C THR B 25 -6.49 -34.08 5.37
N GLN B 26 -5.39 -33.76 4.70
CA GLN B 26 -4.06 -34.12 5.17
C GLN B 26 -3.63 -33.38 6.43
N LEU B 27 -4.04 -32.14 6.59
CA LEU B 27 -3.70 -31.36 7.79
C LEU B 27 -4.36 -32.04 9.00
N LYS B 28 -5.63 -32.39 8.83
CA LYS B 28 -6.41 -33.04 9.87
C LYS B 28 -5.85 -34.39 10.24
N GLU B 29 -5.34 -35.12 9.26
CA GLU B 29 -4.75 -36.44 9.54
C GLU B 29 -3.36 -36.35 10.15
N GLN B 30 -2.62 -35.28 9.83
CA GLN B 30 -1.29 -35.09 10.39
C GLN B 30 -1.35 -34.58 11.82
N VAL B 31 -2.42 -33.84 12.13
CA VAL B 31 -2.63 -33.29 13.47
C VAL B 31 -4.06 -33.57 13.89
N PRO B 32 -4.33 -34.80 14.37
CA PRO B 32 -5.67 -35.22 14.79
C PRO B 32 -6.30 -34.26 15.80
N GLY B 33 -7.49 -33.79 15.45
CA GLY B 33 -8.20 -32.86 16.31
C GLY B 33 -8.24 -31.48 15.70
N PHE B 34 -7.25 -31.18 14.85
CA PHE B 34 -7.19 -29.88 14.20
C PHE B 34 -8.36 -29.69 13.24
N THR B 35 -8.99 -28.52 13.36
CA THR B 35 -10.15 -28.19 12.55
C THR B 35 -10.04 -26.79 11.95
N PRO B 36 -9.65 -26.67 10.66
CA PRO B 36 -9.54 -25.33 10.07
C PRO B 36 -10.93 -24.69 10.18
N ARG B 37 -11.00 -23.51 10.79
CA ARG B 37 -12.28 -22.86 10.99
C ARG B 37 -12.42 -21.41 10.51
N LEU B 38 -13.52 -21.14 9.83
CA LEU B 38 -13.83 -19.80 9.31
C LEU B 38 -15.16 -19.34 9.91
N ALA B 39 -15.27 -18.04 10.12
CA ALA B 39 -16.49 -17.45 10.68
C ALA B 39 -16.86 -16.23 9.83
N ILE B 40 -18.16 -16.09 9.56
CA ILE B 40 -18.65 -14.96 8.78
C ILE B 40 -19.66 -14.20 9.63
N LEU B 41 -19.38 -12.93 9.90
CA LEU B 41 -20.26 -12.09 10.69
C LEU B 41 -21.13 -11.23 9.76
N GLN B 42 -22.44 -11.35 9.93
CA GLN B 42 -23.40 -10.61 9.12
C GLN B 42 -24.32 -9.77 9.99
N VAL B 43 -24.62 -8.56 9.54
CA VAL B 43 -25.53 -7.69 10.27
C VAL B 43 -26.71 -7.40 9.34
N GLY B 44 -27.91 -7.68 9.83
CA GLY B 44 -29.10 -7.46 9.02
C GLY B 44 -29.53 -8.72 8.29
N ASN B 45 -30.27 -8.55 7.21
CA ASN B 45 -30.75 -9.71 6.46
C ASN B 45 -30.87 -9.42 4.95
N ARG B 46 -29.87 -8.77 4.37
CA ARG B 46 -29.89 -8.46 2.94
C ARG B 46 -30.01 -9.72 2.09
N ASP B 47 -30.80 -9.63 1.03
CA ASP B 47 -31.01 -10.76 0.13
C ASP B 47 -29.73 -11.18 -0.56
N ASP B 48 -28.99 -10.21 -1.09
CA ASP B 48 -27.74 -10.50 -1.79
C ASP B 48 -26.67 -11.09 -0.87
N SER B 49 -26.58 -10.60 0.37
CA SER B 49 -25.61 -11.09 1.34
C SER B 49 -25.88 -12.55 1.69
N ASN B 50 -27.15 -12.89 1.89
CA ASN B 50 -27.51 -14.26 2.21
C ASN B 50 -27.03 -15.21 1.13
N LEU B 51 -27.25 -14.82 -0.13
CA LEU B 51 -26.82 -15.62 -1.27
C LEU B 51 -25.31 -15.78 -1.30
N TYR B 52 -24.59 -14.66 -1.18
CA TYR B 52 -23.13 -14.70 -1.17
C TYR B 52 -22.60 -15.54 -0.01
N ILE B 53 -23.17 -15.34 1.17
CA ILE B 53 -22.73 -16.07 2.36
C ILE B 53 -22.95 -17.58 2.22
N ASN B 54 -24.13 -17.97 1.79
CA ASN B 54 -24.43 -19.39 1.63
C ASN B 54 -23.46 -20.06 0.65
N VAL B 55 -23.01 -19.33 -0.38
CA VAL B 55 -22.06 -19.84 -1.36
C VAL B 55 -20.68 -20.06 -0.71
N LYS B 56 -20.25 -19.10 0.11
CA LYS B 56 -18.97 -19.21 0.81
C LYS B 56 -18.99 -20.37 1.80
N LEU B 57 -20.09 -20.50 2.56
CA LEU B 57 -20.24 -21.57 3.53
C LEU B 57 -20.25 -22.94 2.85
N LYS B 58 -20.86 -23.02 1.69
CA LYS B 58 -20.94 -24.27 0.94
C LYS B 58 -19.55 -24.69 0.42
N ALA B 59 -18.78 -23.73 -0.08
CA ALA B 59 -17.43 -24.01 -0.59
C ALA B 59 -16.54 -24.45 0.57
N ALA B 60 -16.78 -23.84 1.72
CA ALA B 60 -16.03 -24.15 2.93
C ALA B 60 -16.28 -25.57 3.39
N GLU B 61 -17.54 -25.95 3.55
CA GLU B 61 -17.87 -27.30 4.01
C GLU B 61 -17.37 -28.39 3.09
N GLU B 62 -17.33 -28.13 1.79
CA GLU B 62 -16.85 -29.14 0.84
C GLU B 62 -15.34 -29.35 0.95
N ILE B 63 -14.60 -28.28 1.23
CA ILE B 63 -13.16 -28.36 1.39
C ILE B 63 -12.82 -28.96 2.77
N GLY B 64 -13.81 -28.99 3.66
CA GLY B 64 -13.61 -29.53 4.98
C GLY B 64 -13.33 -28.47 6.04
N ILE B 65 -13.55 -27.21 5.68
CA ILE B 65 -13.35 -26.09 6.59
C ILE B 65 -14.65 -25.89 7.35
N LYS B 66 -14.58 -25.83 8.68
CA LYS B 66 -15.78 -25.61 9.49
C LYS B 66 -16.13 -24.15 9.34
N ALA B 67 -17.29 -23.87 8.76
CA ALA B 67 -17.72 -22.49 8.57
C ALA B 67 -18.87 -22.13 9.50
N THR B 68 -18.67 -21.07 10.27
CA THR B 68 -19.67 -20.60 11.22
C THR B 68 -20.28 -19.28 10.76
N HIS B 69 -21.61 -19.23 10.70
CA HIS B 69 -22.32 -18.03 10.30
C HIS B 69 -23.06 -17.38 11.47
N ILE B 70 -22.65 -16.16 11.80
CA ILE B 70 -23.28 -15.40 12.87
C ILE B 70 -24.06 -14.29 12.21
N LYS B 71 -25.38 -14.35 12.33
CA LYS B 71 -26.27 -13.35 11.74
C LYS B 71 -26.97 -12.49 12.81
N LEU B 72 -26.59 -11.21 12.87
CA LEU B 72 -27.15 -10.26 13.83
C LEU B 72 -28.32 -9.49 13.21
N PRO B 73 -29.36 -9.17 14.01
CA PRO B 73 -30.53 -8.44 13.51
C PRO B 73 -30.26 -6.98 13.09
N ARG B 74 -31.22 -6.39 12.36
CA ARG B 74 -31.12 -5.01 11.88
C ARG B 74 -31.07 -4.01 13.03
N THR B 75 -31.57 -4.44 14.18
CA THR B 75 -31.62 -3.62 15.38
C THR B 75 -30.27 -3.49 16.09
N THR B 76 -29.30 -4.30 15.66
CA THR B 76 -27.95 -4.31 16.23
C THR B 76 -27.30 -2.92 16.21
N THR B 77 -26.54 -2.62 17.24
CA THR B 77 -25.83 -1.35 17.37
C THR B 77 -24.34 -1.59 17.11
N GLU B 78 -23.59 -0.51 16.96
CA GLU B 78 -22.15 -0.58 16.70
C GLU B 78 -21.38 -1.31 17.78
N SER B 79 -21.70 -1.03 19.05
CA SER B 79 -21.00 -1.66 20.15
C SER B 79 -21.18 -3.18 20.18
N GLU B 80 -22.33 -3.66 19.73
CA GLU B 80 -22.59 -5.09 19.70
C GLU B 80 -21.72 -5.77 18.63
N VAL B 81 -21.67 -5.17 17.44
CA VAL B 81 -20.86 -5.70 16.35
C VAL B 81 -19.42 -5.74 16.86
N MET B 82 -18.96 -4.65 17.45
CA MET B 82 -17.60 -4.59 17.99
C MET B 82 -17.33 -5.70 19.01
N LYS B 83 -18.32 -5.98 19.85
CA LYS B 83 -18.20 -7.03 20.87
C LYS B 83 -17.92 -8.39 20.22
N TYR B 84 -18.68 -8.69 19.16
CA TYR B 84 -18.52 -9.93 18.43
C TYR B 84 -17.17 -10.04 17.74
N ILE B 85 -16.68 -8.92 17.22
CA ILE B 85 -15.39 -8.94 16.55
C ILE B 85 -14.29 -9.26 17.55
N THR B 86 -14.36 -8.64 18.72
CA THR B 86 -13.39 -8.87 19.77
C THR B 86 -13.41 -10.33 20.23
N SER B 87 -14.61 -10.92 20.27
CA SER B 87 -14.77 -12.31 20.70
C SER B 87 -14.24 -13.26 19.64
N LEU B 88 -14.42 -12.91 18.37
CA LEU B 88 -13.93 -13.73 17.27
C LEU B 88 -12.40 -13.66 17.24
N ASN B 89 -11.86 -12.48 17.54
CA ASN B 89 -10.42 -12.28 17.58
C ASN B 89 -9.83 -13.19 18.65
N GLU B 90 -10.51 -13.23 19.81
CA GLU B 90 -10.11 -14.01 20.99
C GLU B 90 -10.41 -15.52 20.96
N ASP B 91 -11.30 -15.95 20.08
CA ASP B 91 -11.66 -17.35 19.96
C ASP B 91 -10.53 -18.10 19.26
N SER B 92 -9.74 -18.85 20.01
CA SER B 92 -8.61 -19.58 19.43
C SER B 92 -9.00 -20.69 18.47
N THR B 93 -10.28 -21.06 18.44
CA THR B 93 -10.71 -22.13 17.52
C THR B 93 -11.03 -21.56 16.14
N VAL B 94 -11.08 -20.23 16.03
CA VAL B 94 -11.36 -19.56 14.78
C VAL B 94 -10.04 -19.07 14.22
N HIS B 95 -9.69 -19.55 13.02
CA HIS B 95 -8.44 -19.18 12.38
C HIS B 95 -8.56 -17.94 11.51
N GLY B 96 -9.75 -17.74 10.94
CA GLY B 96 -9.97 -16.59 10.10
C GLY B 96 -11.44 -16.22 10.08
N PHE B 97 -11.74 -14.95 9.94
CA PHE B 97 -13.14 -14.52 9.86
C PHE B 97 -13.28 -13.24 9.06
N LEU B 98 -14.50 -12.93 8.66
CA LEU B 98 -14.77 -11.75 7.87
C LEU B 98 -16.12 -11.15 8.22
N VAL B 99 -16.26 -9.85 7.96
CA VAL B 99 -17.52 -9.15 8.20
C VAL B 99 -18.12 -8.90 6.83
N GLN B 100 -19.28 -9.51 6.57
CA GLN B 100 -19.96 -9.38 5.31
C GLN B 100 -20.49 -7.94 5.16
N LEU B 101 -20.08 -7.29 4.07
CA LEU B 101 -20.49 -5.93 3.80
C LEU B 101 -21.44 -5.87 2.62
N PRO B 102 -22.31 -4.85 2.56
CA PRO B 102 -22.44 -3.74 3.51
C PRO B 102 -23.29 -4.15 4.72
N LEU B 103 -23.09 -3.50 5.85
CA LEU B 103 -23.84 -3.80 7.06
C LEU B 103 -25.30 -3.36 6.90
N ASP B 104 -26.23 -4.17 7.40
CA ASP B 104 -27.65 -3.84 7.32
C ASP B 104 -28.22 -3.60 8.71
N SER B 105 -28.17 -2.34 9.16
CA SER B 105 -28.67 -1.98 10.48
C SER B 105 -29.46 -0.69 10.41
N GLU B 106 -30.42 -0.56 11.31
CA GLU B 106 -31.25 0.65 11.39
C GLU B 106 -30.45 1.77 12.04
N ASN B 107 -29.36 1.41 12.73
CA ASN B 107 -28.48 2.36 13.42
C ASN B 107 -27.21 2.68 12.61
N SER B 108 -26.62 3.84 12.87
CA SER B 108 -25.40 4.24 12.20
C SER B 108 -24.21 3.45 12.73
N ILE B 109 -23.56 2.71 11.85
CA ILE B 109 -22.40 1.89 12.22
C ILE B 109 -21.20 2.26 11.35
N ASN B 110 -20.12 2.66 12.00
CA ASN B 110 -18.89 3.05 11.33
C ASN B 110 -18.20 1.81 10.75
N THR B 111 -18.47 1.52 9.49
CA THR B 111 -17.92 0.36 8.80
C THR B 111 -16.40 0.24 8.92
N GLU B 112 -15.69 1.34 8.65
CA GLU B 112 -14.24 1.34 8.73
C GLU B 112 -13.69 0.96 10.10
N GLU B 113 -14.34 1.41 11.16
CA GLU B 113 -13.89 1.09 12.52
C GLU B 113 -14.11 -0.38 12.83
N VAL B 114 -15.24 -0.90 12.35
CA VAL B 114 -15.61 -2.30 12.54
C VAL B 114 -14.55 -3.18 11.87
N ILE B 115 -14.35 -2.97 10.57
CA ILE B 115 -13.37 -3.72 9.80
C ILE B 115 -11.98 -3.69 10.42
N ASN B 116 -11.55 -2.51 10.83
CA ASN B 116 -10.23 -2.35 11.43
C ASN B 116 -10.05 -2.90 12.85
N ALA B 117 -11.13 -3.46 13.40
CA ALA B 117 -11.09 -4.05 14.73
C ALA B 117 -10.68 -5.53 14.60
N ILE B 118 -10.76 -6.05 13.38
CA ILE B 118 -10.41 -7.44 13.08
C ILE B 118 -8.91 -7.65 13.30
N ALA B 119 -8.55 -8.69 14.03
CA ALA B 119 -7.15 -9.00 14.30
C ALA B 119 -6.51 -9.31 12.95
N PRO B 120 -5.41 -8.63 12.60
CA PRO B 120 -4.73 -8.85 11.32
C PRO B 120 -4.47 -10.30 10.95
N GLU B 121 -4.13 -11.11 11.94
CA GLU B 121 -3.81 -12.52 11.69
C GLU B 121 -5.02 -13.38 11.30
N LYS B 122 -6.22 -12.82 11.43
CA LYS B 122 -7.46 -13.53 11.10
C LYS B 122 -8.24 -12.88 9.96
N ASP B 123 -7.76 -11.73 9.49
CA ASP B 123 -8.41 -10.96 8.43
C ASP B 123 -8.33 -11.61 7.04
N VAL B 124 -9.07 -12.71 6.84
CA VAL B 124 -9.02 -13.41 5.55
C VAL B 124 -9.39 -12.61 4.30
N ASP B 125 -10.22 -11.58 4.46
CA ASP B 125 -10.60 -10.73 3.33
C ASP B 125 -9.51 -9.71 3.03
N GLY B 126 -8.53 -9.62 3.93
CA GLY B 126 -7.39 -8.71 3.79
C GLY B 126 -7.65 -7.23 3.63
N LEU B 127 -8.77 -6.76 4.17
CA LEU B 127 -9.12 -5.34 4.06
C LEU B 127 -8.76 -4.44 5.22
N THR B 128 -8.17 -4.97 6.29
CA THR B 128 -7.77 -4.12 7.41
C THR B 128 -6.59 -3.25 6.97
N SER B 129 -6.47 -2.06 7.56
CA SER B 129 -5.38 -1.15 7.24
C SER B 129 -4.00 -1.75 7.52
N ILE B 130 -3.88 -2.49 8.62
CA ILE B 130 -2.61 -3.11 8.99
C ILE B 130 -2.17 -4.10 7.92
N ASN B 131 -3.16 -4.84 7.41
CA ASN B 131 -2.92 -5.84 6.39
C ASN B 131 -2.63 -5.21 5.04
N ALA B 132 -3.35 -4.13 4.72
CA ALA B 132 -3.15 -3.40 3.47
C ALA B 132 -1.75 -2.81 3.50
N GLY B 133 -1.34 -2.38 4.69
CA GLY B 133 -0.03 -1.79 4.90
C GLY B 133 1.11 -2.77 4.71
N ARG B 134 0.93 -4.01 5.16
CA ARG B 134 1.96 -5.04 5.00
C ARG B 134 2.08 -5.43 3.53
N LEU B 135 0.94 -5.63 2.88
CA LEU B 135 0.90 -5.99 1.48
C LEU B 135 1.51 -4.91 0.60
N ALA B 136 1.20 -3.65 0.90
CA ALA B 136 1.70 -2.53 0.12
C ALA B 136 3.19 -2.38 0.26
N ARG B 137 3.74 -2.81 1.40
CA ARG B 137 5.18 -2.69 1.63
C ARG B 137 5.98 -3.97 1.39
N GLY B 138 5.33 -4.98 0.81
CA GLY B 138 6.04 -6.22 0.49
C GLY B 138 6.02 -7.42 1.39
N ASP B 139 5.24 -7.44 2.46
CA ASP B 139 5.21 -8.60 3.35
C ASP B 139 4.28 -9.69 2.83
N LEU B 140 4.50 -10.07 1.58
CA LEU B 140 3.70 -11.10 0.91
C LEU B 140 3.78 -12.49 1.52
N ASN B 141 4.82 -12.75 2.30
CA ASN B 141 5.00 -14.08 2.90
C ASN B 141 3.94 -14.51 3.92
N ASP B 142 3.37 -13.58 4.66
CA ASP B 142 2.37 -13.94 5.67
C ASP B 142 1.05 -13.14 5.71
N CYS B 143 1.01 -11.98 5.06
CA CYS B 143 -0.20 -11.16 5.05
C CYS B 143 -1.31 -11.85 4.24
N PHE B 144 -2.52 -11.31 4.33
CA PHE B 144 -3.65 -11.83 3.57
C PHE B 144 -3.85 -10.93 2.36
N ILE B 145 -4.38 -11.50 1.29
CA ILE B 145 -4.62 -10.76 0.05
C ILE B 145 -6.10 -10.79 -0.29
N PRO B 146 -6.71 -9.62 -0.56
CA PRO B 146 -8.14 -9.59 -0.92
C PRO B 146 -8.44 -10.60 -2.03
N CYS B 147 -9.57 -11.30 -1.91
CA CYS B 147 -9.93 -12.34 -2.85
C CYS B 147 -9.86 -12.04 -4.36
N THR B 148 -10.35 -10.89 -4.79
CA THR B 148 -10.31 -10.57 -6.22
C THR B 148 -8.89 -10.42 -6.77
N PRO B 149 -8.06 -9.51 -6.22
CA PRO B 149 -6.70 -9.38 -6.74
C PRO B 149 -5.87 -10.66 -6.59
N LYS B 150 -6.17 -11.44 -5.55
CA LYS B 150 -5.46 -12.69 -5.31
C LYS B 150 -5.77 -13.66 -6.44
N GLY B 151 -7.02 -13.63 -6.90
CA GLY B 151 -7.45 -14.48 -8.00
C GLY B 151 -6.82 -14.05 -9.31
N CYS B 152 -6.63 -12.75 -9.49
CA CYS B 152 -6.03 -12.19 -10.71
C CYS B 152 -4.58 -12.63 -10.88
N LEU B 153 -3.83 -12.64 -9.79
CA LEU B 153 -2.42 -13.03 -9.83
C LEU B 153 -2.30 -14.53 -10.17
N GLU B 154 -3.23 -15.31 -9.64
CA GLU B 154 -3.28 -16.75 -9.87
C GLU B 154 -3.53 -17.04 -11.35
N LEU B 155 -4.39 -16.24 -11.97
CA LEU B 155 -4.69 -16.38 -13.38
C LEU B 155 -3.49 -15.98 -14.22
N ILE B 156 -2.80 -14.92 -13.82
CA ILE B 156 -1.61 -14.46 -14.53
C ILE B 156 -0.52 -15.54 -14.45
N LYS B 157 -0.39 -16.17 -13.27
CA LYS B 157 0.60 -17.22 -13.09
C LYS B 157 0.27 -18.50 -13.85
N GLU B 158 -1.02 -18.72 -14.09
CA GLU B 158 -1.49 -19.88 -14.84
C GLU B 158 -0.99 -19.92 -16.28
N THR B 159 -0.59 -18.76 -16.79
CA THR B 159 -0.09 -18.66 -18.17
C THR B 159 1.30 -19.23 -18.30
N GLY B 160 2.05 -19.22 -17.19
CA GLY B 160 3.41 -19.73 -17.18
C GLY B 160 4.45 -18.67 -17.56
N VAL B 161 3.98 -17.48 -17.89
CA VAL B 161 4.88 -16.38 -18.26
C VAL B 161 5.33 -15.63 -17.01
N PRO B 162 6.66 -15.56 -16.77
CA PRO B 162 7.20 -14.86 -15.60
C PRO B 162 6.79 -13.39 -15.59
N ILE B 163 6.46 -12.91 -14.40
CA ILE B 163 6.02 -11.53 -14.17
C ILE B 163 7.16 -10.53 -14.04
N ALA B 164 8.25 -10.95 -13.41
CA ALA B 164 9.42 -10.10 -13.18
C ALA B 164 9.95 -9.44 -14.45
N GLY B 165 10.21 -8.14 -14.36
CA GLY B 165 10.73 -7.42 -15.52
C GLY B 165 9.68 -6.97 -16.51
N ARG B 166 8.47 -7.52 -16.43
CA ARG B 166 7.42 -7.11 -17.36
C ARG B 166 6.70 -5.86 -16.88
N HIS B 167 6.15 -5.11 -17.81
CA HIS B 167 5.43 -3.89 -17.47
C HIS B 167 3.95 -4.19 -17.31
N ALA B 168 3.46 -4.04 -16.09
CA ALA B 168 2.07 -4.28 -15.81
C ALA B 168 1.30 -2.97 -15.64
N VAL B 169 0.10 -2.92 -16.20
CA VAL B 169 -0.73 -1.74 -16.08
C VAL B 169 -2.01 -2.13 -15.35
N VAL B 170 -2.33 -1.37 -14.31
CA VAL B 170 -3.54 -1.61 -13.55
C VAL B 170 -4.47 -0.40 -13.73
N VAL B 171 -5.65 -0.64 -14.29
CA VAL B 171 -6.63 0.42 -14.47
C VAL B 171 -7.63 0.29 -13.33
N GLY B 172 -7.53 1.21 -12.38
CA GLY B 172 -8.38 1.18 -11.20
C GLY B 172 -7.46 1.18 -9.99
N ARG B 173 -7.89 1.81 -8.89
CA ARG B 173 -7.06 1.88 -7.68
C ARG B 173 -7.90 1.76 -6.40
N SER B 174 -8.97 0.96 -6.45
CA SER B 174 -9.84 0.79 -5.29
C SER B 174 -9.19 -0.08 -4.24
N LYS B 175 -9.73 -0.02 -3.03
CA LYS B 175 -9.23 -0.79 -1.89
C LYS B 175 -9.45 -2.27 -2.09
N ILE B 176 -10.57 -2.62 -2.72
CA ILE B 176 -10.95 -4.01 -2.97
C ILE B 176 -10.17 -4.69 -4.08
N VAL B 177 -9.84 -3.96 -5.13
CA VAL B 177 -9.14 -4.54 -6.25
C VAL B 177 -7.87 -3.85 -6.72
N GLY B 178 -8.03 -2.70 -7.36
CA GLY B 178 -6.91 -1.94 -7.90
C GLY B 178 -5.65 -1.71 -7.09
N ALA B 179 -5.80 -1.25 -5.84
CA ALA B 179 -4.65 -0.99 -4.98
C ALA B 179 -3.89 -2.27 -4.63
N PRO B 180 -4.58 -3.27 -4.04
CA PRO B 180 -3.84 -4.50 -3.71
C PRO B 180 -3.35 -5.23 -4.97
N MET B 181 -3.96 -4.95 -6.11
CA MET B 181 -3.52 -5.59 -7.35
C MET B 181 -2.16 -5.01 -7.74
N HIS B 182 -1.99 -3.70 -7.55
CA HIS B 182 -0.72 -3.04 -7.83
C HIS B 182 0.37 -3.64 -6.94
N ASP B 183 0.01 -3.87 -5.68
CA ASP B 183 0.93 -4.44 -4.69
C ASP B 183 1.41 -5.83 -5.05
N LEU B 184 0.52 -6.66 -5.57
CA LEU B 184 0.89 -8.01 -5.96
C LEU B 184 1.84 -7.98 -7.14
N LEU B 185 1.54 -7.13 -8.11
CA LEU B 185 2.37 -7.03 -9.29
C LEU B 185 3.75 -6.44 -9.01
N LEU B 186 3.82 -5.45 -8.13
CA LEU B 186 5.08 -4.82 -7.78
C LEU B 186 6.02 -5.81 -7.08
N TRP B 187 5.49 -6.51 -6.07
CA TRP B 187 6.27 -7.46 -5.29
C TRP B 187 6.59 -8.78 -5.98
N ASN B 188 6.07 -8.92 -7.20
CA ASN B 188 6.35 -10.07 -8.05
C ASN B 188 7.27 -9.52 -9.13
N ASN B 189 7.88 -8.39 -8.80
CA ASN B 189 8.86 -7.69 -9.64
C ASN B 189 8.52 -7.13 -11.00
N ALA B 190 7.24 -6.85 -11.24
CA ALA B 190 6.85 -6.24 -12.51
C ALA B 190 7.00 -4.73 -12.29
N THR B 191 7.14 -3.99 -13.38
CA THR B 191 7.23 -2.53 -13.32
C THR B 191 5.77 -2.14 -13.47
N VAL B 192 5.19 -1.54 -12.44
CA VAL B 192 3.76 -1.21 -12.46
C VAL B 192 3.38 0.24 -12.68
N THR B 193 2.33 0.45 -13.46
CA THR B 193 1.78 1.76 -13.76
C THR B 193 0.33 1.73 -13.35
N THR B 194 -0.06 2.64 -12.46
CA THR B 194 -1.44 2.66 -12.00
C THR B 194 -2.23 3.80 -12.64
N CYS B 195 -3.33 3.45 -13.30
CA CYS B 195 -4.20 4.40 -13.95
C CYS B 195 -5.52 4.54 -13.21
N HIS B 196 -6.22 5.64 -13.46
CA HIS B 196 -7.49 5.92 -12.82
C HIS B 196 -8.31 6.90 -13.65
N SER B 197 -9.40 7.41 -13.06
CA SER B 197 -10.30 8.35 -13.74
C SER B 197 -9.65 9.68 -14.15
N LYS B 198 -8.50 10.00 -13.54
CA LYS B 198 -7.80 11.25 -13.84
C LYS B 198 -6.61 11.02 -14.78
N THR B 199 -6.44 9.79 -15.25
CA THR B 199 -5.35 9.45 -16.15
C THR B 199 -5.64 9.97 -17.56
N ALA B 200 -4.69 10.74 -18.10
CA ALA B 200 -4.78 11.31 -19.44
C ALA B 200 -4.25 10.26 -20.42
N HIS B 201 -4.79 10.28 -21.64
CA HIS B 201 -4.39 9.34 -22.69
C HIS B 201 -4.27 7.92 -22.14
N LEU B 202 -5.37 7.44 -21.55
CA LEU B 202 -5.45 6.10 -20.96
C LEU B 202 -5.14 5.00 -21.98
N ASP B 203 -5.55 5.24 -23.23
CA ASP B 203 -5.32 4.28 -24.31
C ASP B 203 -3.84 4.03 -24.56
N GLU B 204 -3.05 5.10 -24.51
CA GLU B 204 -1.62 5.04 -24.73
C GLU B 204 -0.94 4.35 -23.56
N GLU B 205 -1.46 4.59 -22.36
CA GLU B 205 -0.95 3.99 -21.14
C GLU B 205 -1.20 2.48 -21.14
N VAL B 206 -2.44 2.09 -21.42
CA VAL B 206 -2.84 0.69 -21.46
C VAL B 206 -2.02 -0.07 -22.51
N ASN B 207 -1.72 0.59 -23.62
CA ASN B 207 -0.96 -0.03 -24.70
C ASN B 207 0.47 -0.39 -24.31
N LYS B 208 0.91 0.02 -23.12
CA LYS B 208 2.27 -0.27 -22.66
C LYS B 208 2.31 -1.49 -21.74
N GLY B 209 1.14 -2.05 -21.42
CA GLY B 209 1.08 -3.19 -20.53
C GLY B 209 1.18 -4.60 -21.08
N ASP B 210 2.25 -5.30 -20.66
CA ASP B 210 2.48 -6.69 -21.06
C ASP B 210 1.48 -7.51 -20.26
N ILE B 211 1.11 -6.96 -19.10
CA ILE B 211 0.15 -7.54 -18.17
C ILE B 211 -0.82 -6.38 -17.90
N LEU B 212 -2.09 -6.63 -18.16
CA LEU B 212 -3.12 -5.62 -17.97
C LEU B 212 -4.22 -6.12 -17.07
N VAL B 213 -4.48 -5.40 -15.98
CA VAL B 213 -5.56 -5.76 -15.07
C VAL B 213 -6.50 -4.56 -15.01
N VAL B 214 -7.74 -4.77 -15.46
CA VAL B 214 -8.73 -3.69 -15.46
C VAL B 214 -9.82 -3.95 -14.43
N ALA B 215 -10.09 -2.93 -13.60
CA ALA B 215 -11.12 -3.00 -12.57
C ALA B 215 -11.63 -1.57 -12.40
N THR B 216 -12.51 -1.19 -13.32
CA THR B 216 -13.06 0.15 -13.36
C THR B 216 -14.59 0.22 -13.22
N GLY B 217 -15.27 -0.85 -13.61
CA GLY B 217 -16.72 -0.84 -13.53
C GLY B 217 -17.34 -0.09 -14.70
N GLN B 218 -16.53 0.24 -15.70
CA GLN B 218 -17.01 0.95 -16.89
C GLN B 218 -17.07 -0.11 -17.98
N PRO B 219 -18.28 -0.61 -18.27
CA PRO B 219 -18.53 -1.64 -19.27
C PRO B 219 -17.86 -1.47 -20.62
N GLU B 220 -16.96 -2.41 -20.92
CA GLU B 220 -16.21 -2.46 -22.17
C GLU B 220 -15.49 -1.20 -22.60
N MET B 221 -15.07 -0.36 -21.65
CA MET B 221 -14.37 0.88 -21.99
C MET B 221 -13.00 0.64 -22.64
N VAL B 222 -12.26 -0.33 -22.12
CA VAL B 222 -10.94 -0.65 -22.65
C VAL B 222 -11.12 -1.41 -23.96
N LYS B 223 -10.92 -0.70 -25.07
CA LYS B 223 -11.09 -1.28 -26.39
C LYS B 223 -9.93 -2.19 -26.78
N GLY B 224 -10.17 -3.08 -27.74
CA GLY B 224 -9.15 -4.00 -28.19
C GLY B 224 -7.96 -3.32 -28.83
N GLU B 225 -8.19 -2.16 -29.41
CA GLU B 225 -7.16 -1.37 -30.07
C GLU B 225 -6.10 -0.92 -29.06
N TRP B 226 -6.51 -0.73 -27.80
CA TRP B 226 -5.61 -0.29 -26.74
C TRP B 226 -4.63 -1.36 -26.31
N ILE B 227 -5.09 -2.61 -26.33
CA ILE B 227 -4.30 -3.76 -25.91
C ILE B 227 -2.98 -3.92 -26.64
N LYS B 228 -1.91 -4.13 -25.87
CA LYS B 228 -0.60 -4.35 -26.46
C LYS B 228 -0.56 -5.79 -27.02
N PRO B 229 -0.01 -5.95 -28.25
CA PRO B 229 0.08 -7.27 -28.87
C PRO B 229 0.86 -8.28 -28.03
N GLY B 230 0.19 -9.38 -27.68
CA GLY B 230 0.81 -10.43 -26.87
C GLY B 230 0.65 -10.23 -25.37
N ALA B 231 -0.22 -9.31 -24.96
CA ALA B 231 -0.42 -9.03 -23.55
C ALA B 231 -1.33 -10.01 -22.83
N ILE B 232 -1.18 -10.07 -21.51
CA ILE B 232 -2.03 -10.91 -20.66
C ILE B 232 -3.10 -9.93 -20.16
N VAL B 233 -4.36 -10.19 -20.51
CA VAL B 233 -5.45 -9.30 -20.09
C VAL B 233 -6.33 -9.93 -19.01
N ILE B 234 -6.36 -9.28 -17.85
CA ILE B 234 -7.17 -9.73 -16.71
C ILE B 234 -8.28 -8.70 -16.51
N ASP B 235 -9.51 -9.13 -16.71
CA ASP B 235 -10.69 -8.26 -16.62
C ASP B 235 -11.56 -8.58 -15.41
N CYS B 236 -11.63 -7.64 -14.46
CA CYS B 236 -12.42 -7.84 -13.26
C CYS B 236 -13.85 -7.34 -13.37
N GLY B 237 -14.16 -6.69 -14.48
CA GLY B 237 -15.49 -6.15 -14.66
C GLY B 237 -16.66 -7.10 -14.64
N ILE B 238 -17.73 -6.68 -13.97
CA ILE B 238 -18.97 -7.43 -13.87
C ILE B 238 -20.08 -6.40 -14.06
N ASN B 239 -20.41 -6.15 -15.33
CA ASN B 239 -21.42 -5.17 -15.72
C ASN B 239 -22.61 -5.82 -16.41
N TYR B 240 -23.81 -5.52 -15.91
CA TYR B 240 -25.03 -6.10 -16.47
C TYR B 240 -25.67 -5.29 -17.58
N VAL B 241 -26.08 -5.99 -18.64
CA VAL B 241 -26.70 -5.36 -19.81
C VAL B 241 -27.88 -6.22 -20.27
N PRO B 242 -29.07 -5.61 -20.47
CA PRO B 242 -30.25 -6.36 -20.91
C PRO B 242 -29.99 -7.05 -22.24
N ASP B 243 -30.43 -8.30 -22.32
CA ASP B 243 -30.25 -9.12 -23.51
C ASP B 243 -31.31 -10.23 -23.51
N ASP B 244 -32.39 -10.00 -24.25
CA ASP B 244 -33.49 -10.97 -24.32
C ASP B 244 -33.12 -12.31 -24.92
N LYS B 245 -31.91 -12.42 -25.46
CA LYS B 245 -31.44 -13.66 -26.07
C LYS B 245 -30.73 -14.56 -25.06
N LYS B 246 -30.65 -14.11 -23.81
CA LYS B 246 -30.02 -14.87 -22.74
C LYS B 246 -31.10 -15.49 -21.85
N PRO B 247 -30.84 -16.69 -21.29
CA PRO B 247 -31.78 -17.40 -20.43
C PRO B 247 -32.47 -16.55 -19.34
N ASN B 248 -31.74 -15.60 -18.75
CA ASN B 248 -32.31 -14.75 -17.71
C ASN B 248 -32.53 -13.29 -18.12
N GLY B 249 -32.46 -13.03 -19.42
CA GLY B 249 -32.69 -11.69 -19.93
C GLY B 249 -31.62 -10.64 -19.71
N ARG B 250 -30.38 -11.08 -19.45
CA ARG B 250 -29.28 -10.15 -19.24
C ARG B 250 -27.93 -10.84 -19.43
N LYS B 251 -26.97 -10.09 -19.97
CA LYS B 251 -25.63 -10.63 -20.18
C LYS B 251 -24.64 -9.93 -19.25
N VAL B 252 -23.50 -10.56 -19.05
CA VAL B 252 -22.45 -10.00 -18.20
C VAL B 252 -21.27 -9.69 -19.11
N VAL B 253 -20.81 -8.44 -19.06
CA VAL B 253 -19.67 -7.98 -19.85
C VAL B 253 -18.62 -7.42 -18.89
N GLY B 254 -17.35 -7.50 -19.28
CA GLY B 254 -16.31 -6.98 -18.40
C GLY B 254 -16.02 -5.51 -18.65
N ASP B 255 -14.85 -5.08 -18.22
CA ASP B 255 -14.41 -3.70 -18.40
C ASP B 255 -13.57 -3.60 -19.68
N VAL B 256 -13.33 -4.75 -20.30
CA VAL B 256 -12.55 -4.83 -21.53
C VAL B 256 -13.47 -5.30 -22.66
N ALA B 257 -13.24 -4.78 -23.88
CA ALA B 257 -14.02 -5.16 -25.07
C ALA B 257 -13.43 -6.47 -25.58
N TYR B 258 -13.84 -7.54 -24.91
CA TYR B 258 -13.40 -8.90 -25.16
C TYR B 258 -13.23 -9.34 -26.61
N ASP B 259 -14.29 -9.21 -27.40
CA ASP B 259 -14.24 -9.64 -28.80
C ASP B 259 -13.05 -9.12 -29.61
N GLU B 260 -12.67 -7.87 -29.41
CA GLU B 260 -11.53 -7.28 -30.12
C GLU B 260 -10.22 -7.44 -29.35
N ALA B 261 -10.32 -7.57 -28.03
CA ALA B 261 -9.14 -7.76 -27.19
C ALA B 261 -8.59 -9.18 -27.31
N LYS B 262 -9.47 -10.16 -27.50
CA LYS B 262 -9.04 -11.56 -27.63
C LYS B 262 -8.20 -11.81 -28.87
N GLU B 263 -8.24 -10.89 -29.82
CA GLU B 263 -7.47 -11.01 -31.06
C GLU B 263 -6.05 -10.46 -30.89
N ARG B 264 -5.88 -9.58 -29.90
CA ARG B 264 -4.59 -8.94 -29.64
C ARG B 264 -3.77 -9.60 -28.55
N ALA B 265 -4.43 -10.00 -27.46
CA ALA B 265 -3.77 -10.62 -26.32
C ALA B 265 -3.29 -12.05 -26.53
N SER B 266 -2.31 -12.48 -25.74
CA SER B 266 -1.78 -13.83 -25.80
C SER B 266 -2.62 -14.68 -24.82
N PHE B 267 -3.12 -14.03 -23.76
CA PHE B 267 -3.97 -14.67 -22.75
C PHE B 267 -5.02 -13.66 -22.28
N ILE B 268 -6.26 -14.13 -22.13
CA ILE B 268 -7.34 -13.27 -21.67
C ILE B 268 -8.41 -14.00 -20.87
N THR B 269 -8.93 -13.30 -19.87
CA THR B 269 -9.97 -13.82 -19.02
C THR B 269 -11.33 -13.40 -19.56
N PRO B 270 -12.21 -14.37 -19.85
CA PRO B 270 -13.53 -14.03 -20.36
C PRO B 270 -14.42 -13.49 -19.24
N VAL B 271 -15.53 -12.89 -19.62
CA VAL B 271 -16.51 -12.39 -18.65
C VAL B 271 -17.86 -12.76 -19.25
N PRO B 272 -18.65 -13.59 -18.55
CA PRO B 272 -18.36 -14.20 -17.25
C PRO B 272 -17.45 -15.42 -17.38
N GLY B 273 -16.98 -15.95 -16.26
CA GLY B 273 -16.13 -17.13 -16.29
C GLY B 273 -14.62 -16.96 -16.14
N GLY B 274 -14.17 -15.75 -15.84
CA GLY B 274 -12.75 -15.52 -15.69
C GLY B 274 -12.33 -15.30 -14.24
N VAL B 275 -12.31 -14.04 -13.83
CA VAL B 275 -11.93 -13.65 -12.47
C VAL B 275 -13.02 -14.00 -11.46
N GLY B 276 -14.27 -13.80 -11.85
CA GLY B 276 -15.40 -14.09 -10.98
C GLY B 276 -15.40 -15.42 -10.24
N PRO B 277 -15.29 -16.57 -10.94
CA PRO B 277 -15.29 -17.90 -10.30
C PRO B 277 -14.11 -18.16 -9.38
N MET B 278 -13.08 -17.33 -9.49
CA MET B 278 -11.88 -17.47 -8.69
C MET B 278 -11.96 -16.95 -7.27
N THR B 279 -12.82 -15.95 -7.05
CA THR B 279 -12.94 -15.29 -5.75
C THR B 279 -13.24 -16.14 -4.51
N VAL B 280 -14.25 -17.02 -4.57
CA VAL B 280 -14.56 -17.84 -3.41
C VAL B 280 -13.43 -18.82 -3.09
N ALA B 281 -12.74 -19.33 -4.13
CA ALA B 281 -11.63 -20.24 -3.94
C ALA B 281 -10.47 -19.53 -3.23
N MET B 282 -10.24 -18.28 -3.62
CA MET B 282 -9.19 -17.46 -3.02
C MET B 282 -9.42 -17.25 -1.52
N LEU B 283 -10.67 -16.99 -1.13
CA LEU B 283 -11.02 -16.81 0.28
C LEU B 283 -10.74 -18.12 1.00
N MET B 284 -11.09 -19.23 0.37
CA MET B 284 -10.85 -20.55 0.95
C MET B 284 -9.35 -20.77 1.11
N GLN B 285 -8.57 -20.30 0.14
CA GLN B 285 -7.13 -20.46 0.21
C GLN B 285 -6.53 -19.61 1.32
N SER B 286 -7.06 -18.40 1.50
CA SER B 286 -6.61 -17.49 2.55
C SER B 286 -6.96 -18.08 3.93
N THR B 287 -8.09 -18.78 4.01
CA THR B 287 -8.53 -19.40 5.27
C THR B 287 -7.59 -20.55 5.65
N VAL B 288 -7.20 -21.37 4.66
CA VAL B 288 -6.28 -22.49 4.90
C VAL B 288 -4.92 -21.94 5.34
N GLU B 289 -4.48 -20.84 4.72
CA GLU B 289 -3.22 -20.18 5.05
C GLU B 289 -3.18 -19.77 6.52
N SER B 290 -4.25 -19.12 6.96
CA SER B 290 -4.34 -18.66 8.35
C SER B 290 -4.30 -19.85 9.29
N ALA B 291 -4.99 -20.92 8.90
CA ALA B 291 -5.03 -22.16 9.68
C ALA B 291 -3.63 -22.78 9.81
N LYS B 292 -2.88 -22.78 8.71
CA LYS B 292 -1.52 -23.34 8.70
C LYS B 292 -0.53 -22.46 9.49
N ARG B 293 -0.73 -21.16 9.48
CA ARG B 293 0.14 -20.26 10.22
C ARG B 293 -0.11 -20.39 11.72
N PHE B 294 -1.38 -20.61 12.09
CA PHE B 294 -1.74 -20.78 13.49
C PHE B 294 -1.13 -22.10 13.96
N LEU B 295 -1.33 -23.14 13.15
CA LEU B 295 -0.82 -24.49 13.44
C LEU B 295 0.67 -24.51 13.72
N GLU B 296 1.43 -23.65 13.04
CA GLU B 296 2.87 -23.62 13.24
C GLU B 296 3.21 -22.90 14.57
PA NAP C . 17.17 0.87 -0.13
O1A NAP C . 18.53 0.32 -0.38
O2A NAP C . 16.52 0.18 1.01
O5B NAP C . 16.26 0.77 -1.43
C5B NAP C . 16.79 0.93 -2.75
C4B NAP C . 15.68 0.64 -3.76
O4B NAP C . 16.11 0.98 -5.07
C3B NAP C . 15.30 -0.83 -3.75
O3B NAP C . 13.88 -0.96 -3.84
C2B NAP C . 15.95 -1.42 -5.01
O2B NAP C . 15.10 -2.43 -5.58
C1B NAP C . 16.07 -0.18 -5.93
N9A NAP C . 17.27 -0.21 -6.76
C8A NAP C . 18.60 -0.69 -6.40
N7A NAP C . 19.41 -0.48 -7.54
C5A NAP C . 18.61 0.08 -8.47
C6A NAP C . 18.92 0.26 -9.80
N6A NAP C . 20.19 0.12 -10.24
N1A NAP C . 17.87 0.65 -10.72
C2A NAP C . 16.60 0.83 -10.29
N3A NAP C . 16.33 0.64 -8.98
C4A NAP C . 17.40 0.25 -8.09
O3 NAP C . 17.24 2.43 0.16
PN NAP C . 16.18 3.63 0.32
O1N NAP C . 15.47 3.54 1.62
O2N NAP C . 15.21 3.63 -0.79
O5D NAP C . 17.03 4.98 0.27
C5D NAP C . 17.58 5.46 -0.98
C4D NAP C . 18.37 6.79 -0.82
O4D NAP C . 17.56 7.84 -0.31
C3D NAP C . 19.62 6.69 0.04
O3D NAP C . 20.76 7.08 -0.71
C2D NAP C . 19.38 7.67 1.18
O2D NAP C . 20.57 8.41 1.46
C1D NAP C . 18.30 8.59 0.63
N1N NAP C . 17.46 9.11 1.71
C2N NAP C . 17.49 10.42 2.00
C3N NAP C . 16.72 10.93 3.04
C7N NAP C . 16.72 12.41 3.36
O7N NAP C . 16.55 12.81 4.53
N7N NAP C . 17.02 13.26 2.37
C4N NAP C . 15.87 9.97 3.84
C5N NAP C . 15.89 8.64 3.48
C6N NAP C . 16.69 8.23 2.41
P2B NAP C . 14.88 -3.83 -4.88
O1X NAP C . 16.10 -4.26 -4.16
O2X NAP C . 13.75 -3.70 -3.94
O3X NAP C . 14.54 -4.83 -5.92
N2A L37 D . 17.03 4.07 6.59
N1 L37 D . 17.07 6.41 7.11
C2 L37 D . 17.53 5.28 6.33
N3 L37 D . 18.29 5.45 5.18
C4 L37 D . 18.73 6.66 4.83
O4A L37 D . 19.40 6.80 3.78
N5A L37 D . 19.01 8.99 5.37
C5 L37 D . 18.44 7.87 5.72
C6 L37 D . 17.60 7.68 6.91
N7 L37 D . 17.25 8.65 7.89
C8 L37 D . 17.56 9.96 7.75
O8A L37 D . 17.25 10.67 8.69
N9 L37 D . 17.95 10.46 6.58
C1B L37 D . 18.35 11.79 6.46
C2B L37 D . 17.94 12.80 7.33
C3B L37 D . 18.38 14.13 7.11
C4B L37 D . 19.25 14.38 6.02
C5B L37 D . 19.63 13.36 5.20
C6B L37 D . 19.21 12.09 5.42
C7B L37 D . 19.71 15.78 5.62
O7B L37 D . 19.38 16.75 6.28
N L37 D . 20.33 15.93 4.44
CA L37 D . 20.56 17.25 3.84
CB L37 D . 22.02 17.66 3.88
CG L37 D . 22.90 17.06 4.91
CD L37 D . 24.34 17.27 4.53
OE1 L37 D . 24.97 16.32 4.04
OE2 L37 D . 24.83 18.42 4.68
C L37 D . 20.19 17.32 2.37
O L37 D . 19.95 16.25 1.77
OXT L37 D . 20.26 18.43 1.80
C ACT E . -1.49 -23.36 1.34
O ACT E . -2.47 -23.68 0.61
OXT ACT E . -0.88 -24.22 2.01
CH3 ACT E . -1.05 -21.92 1.39
PA NAP F . -14.79 1.59 -7.85
O1A NAP F . -15.95 2.08 -8.63
O2A NAP F . -14.64 2.36 -6.60
O5B NAP F . -13.44 1.63 -8.70
C5B NAP F . -13.29 2.45 -9.85
C4B NAP F . -11.82 2.86 -9.95
O4B NAP F . -11.46 3.06 -11.31
C3B NAP F . -11.59 4.16 -9.23
O3B NAP F . -10.26 4.15 -8.69
C2B NAP F . -11.68 5.24 -10.30
O2B NAP F . -10.76 6.32 -9.97
C1B NAP F . -11.32 4.45 -11.61
N9A NAP F . -12.14 4.76 -12.78
C8A NAP F . -13.56 5.12 -12.80
N7A NAP F . -13.91 5.26 -14.15
C5A NAP F . -12.78 5.00 -14.87
C6A NAP F . -12.59 5.29 -16.22
N6A NAP F . -13.61 5.64 -17.01
N1A NAP F . -11.24 5.24 -16.74
C2A NAP F . -10.19 4.94 -15.95
N3A NAP F . -10.42 4.66 -14.65
C4A NAP F . -11.77 4.71 -14.14
O3 NAP F . -14.96 0.03 -7.53
PN NAP F . -14.06 -1.30 -7.63
O1N NAP F . -13.96 -1.97 -6.31
O2N NAP F . -12.69 -1.02 -8.13
O5D NAP F . -14.78 -2.33 -8.63
C5D NAP F . -14.31 -2.52 -9.98
C4D NAP F . -15.10 -3.63 -10.74
O4D NAP F . -14.66 -4.94 -10.36
C3D NAP F . -16.62 -3.57 -10.57
O3D NAP F . -17.21 -3.51 -11.86
C2D NAP F . -17.00 -4.89 -9.90
O2D NAP F . -18.15 -5.45 -10.52
C1D NAP F . -15.79 -5.80 -10.13
N1N NAP F . -15.56 -6.68 -9.00
C2N NAP F . -15.75 -8.00 -9.15
C3N NAP F . -15.54 -8.87 -8.09
C7N NAP F . -15.90 -10.34 -8.22
O7N NAP F . -16.84 -10.82 -7.59
N7N NAP F . -15.19 -11.07 -9.10
C4N NAP F . -15.10 -8.30 -6.78
C5N NAP F . -14.93 -6.93 -6.69
C6N NAP F . -15.16 -6.14 -7.81
P2B NAP F . -11.07 7.32 -8.78
O1X NAP F . -12.53 7.40 -8.56
O2X NAP F . -10.38 6.84 -7.57
O3X NAP F . -10.55 8.65 -9.18
#